data_7R2I
#
_entry.id   7R2I
#
_cell.length_a   56.837
_cell.length_b   56.837
_cell.length_c   87.426
_cell.angle_alpha   90.000
_cell.angle_beta   90.000
_cell.angle_gamma   90.000
#
_symmetry.space_group_name_H-M   'P 41 21 2'
#
loop_
_entity.id
_entity.type
_entity.pdbx_description
1 polymer 'Peptidyl-prolyl cis-trans isomerase F, mitochondrial'
2 non-polymer 'DIMETHYL SULFOXIDE'
3 non-polymer 'ethyl 7-methyl-2-oxidanylidene-1,3-dihydropyrazolo[1,5-a]pyrimidine-6-carboxylate'
4 non-polymer 'PENTAETHYLENE GLYCOL'
5 water water
#
_entity_poly.entity_id   1
_entity_poly.type   'polypeptide(L)'
_entity_poly.pdbx_seq_one_letter_code
;MGNPLVYLDVDANGKPLGRVVLELKADVVPKTAENFRALCTGEKGFGYKGSTFHRVIPSFMCQAGDFTNHNGTGGKSIYG
SRFPDENFTLKHVGPGVLSMANAGPNTNGSQFFICTIKTDWLDGKHVVFGHVIEGMDVVKKIESFGSKSGRTSKKIVITD
CGQLS
;
_entity_poly.pdbx_strand_id   A
#
# COMPACT_ATOMS: atom_id res chain seq x y z
N GLY A 2 6.69 -19.75 3.39
CA GLY A 2 5.46 -19.13 3.85
C GLY A 2 5.23 -17.80 3.18
N ASN A 3 4.16 -17.12 3.59
CA ASN A 3 3.83 -15.84 3.00
C ASN A 3 4.89 -14.80 3.35
N PRO A 4 5.25 -13.92 2.42
CA PRO A 4 6.22 -12.87 2.77
C PRO A 4 5.73 -11.95 3.88
N LEU A 5 6.66 -11.53 4.72
CA LEU A 5 6.49 -10.39 5.60
C LEU A 5 7.39 -9.28 5.09
N VAL A 6 6.83 -8.09 4.92
CA VAL A 6 7.57 -6.92 4.44
C VAL A 6 7.34 -5.78 5.40
N TYR A 7 8.18 -4.75 5.31
CA TYR A 7 8.08 -3.61 6.20
C TYR A 7 8.17 -2.30 5.43
N LEU A 8 7.52 -1.29 5.99
CA LEU A 8 7.63 0.10 5.57
C LEU A 8 8.00 0.91 6.80
N ASP A 9 9.11 1.62 6.75
CA ASP A 9 9.47 2.60 7.78
C ASP A 9 9.05 3.97 7.29
N VAL A 10 8.26 4.68 8.10
CA VAL A 10 7.55 5.88 7.66
C VAL A 10 7.93 7.08 8.53
N ASP A 11 8.28 8.17 7.87
CA ASP A 11 8.49 9.47 8.48
C ASP A 11 7.26 10.34 8.26
N ALA A 12 7.05 11.29 9.16
CA ALA A 12 6.16 12.41 8.92
C ALA A 12 6.94 13.69 9.17
N ASN A 13 7.00 14.55 8.18
CA ASN A 13 7.82 15.78 8.26
C ASN A 13 9.22 15.46 8.77
N GLY A 14 9.81 14.41 8.23
CA GLY A 14 11.20 14.12 8.49
C GLY A 14 11.49 13.49 9.82
N LYS A 15 10.48 13.09 10.58
CA LYS A 15 10.74 12.41 11.82
C LYS A 15 10.06 11.05 11.81
N PRO A 16 10.74 10.01 12.29
CA PRO A 16 10.20 8.65 12.15
C PRO A 16 8.96 8.43 13.00
N LEU A 17 7.97 7.78 12.39
CA LEU A 17 6.79 7.30 13.09
C LEU A 17 6.93 5.87 13.56
N GLY A 18 7.79 5.10 12.92
CA GLY A 18 7.91 3.69 13.19
C GLY A 18 7.72 2.85 11.96
N ARG A 19 7.41 1.58 12.18
CA ARG A 19 7.43 0.57 11.15
C ARG A 19 6.07 -0.08 11.02
N VAL A 20 5.61 -0.23 9.78
CA VAL A 20 4.43 -1.03 9.45
C VAL A 20 4.92 -2.34 8.87
N VAL A 21 4.51 -3.45 9.48
CA VAL A 21 4.82 -4.79 8.98
C VAL A 21 3.57 -5.35 8.33
N LEU A 22 3.72 -5.86 7.12
CA LEU A 22 2.61 -6.38 6.33
C LEU A 22 2.87 -7.84 5.98
N GLU A 23 1.84 -8.67 6.12
CA GLU A 23 1.85 -10.00 5.55
C GLU A 23 1.24 -9.92 4.15
N LEU A 24 1.93 -10.51 3.17
CA LEU A 24 1.46 -10.55 1.80
C LEU A 24 0.90 -11.95 1.55
N LYS A 25 -0.37 -12.01 1.16
CA LYS A 25 -1.08 -13.28 1.01
C LYS A 25 -0.76 -13.91 -0.35
N ALA A 26 0.51 -14.32 -0.48
CA ALA A 26 0.94 -14.97 -1.70
C ALA A 26 0.24 -16.30 -1.92
N ASP A 27 -0.31 -16.90 -0.85
CA ASP A 27 -1.08 -18.12 -0.99
C ASP A 27 -2.38 -17.90 -1.75
N VAL A 28 -2.96 -16.71 -1.68
CA VAL A 28 -4.21 -16.37 -2.36
C VAL A 28 -3.97 -15.61 -3.66
N VAL A 29 -3.04 -14.66 -3.64
CA VAL A 29 -2.81 -13.76 -4.76
C VAL A 29 -1.30 -13.69 -4.99
N PRO A 30 -0.71 -14.76 -5.51
CA PRO A 30 0.76 -14.77 -5.64
C PRO A 30 1.34 -13.68 -6.52
N LYS A 31 0.67 -13.36 -7.63
CA LYS A 31 1.24 -12.37 -8.54
C LYS A 31 1.19 -10.98 -7.93
N THR A 32 0.11 -10.68 -7.22
CA THR A 32 -0.04 -9.39 -6.57
C THR A 32 0.91 -9.28 -5.38
N ALA A 33 1.02 -10.34 -4.59
CA ALA A 33 1.97 -10.33 -3.49
C ALA A 33 3.41 -10.16 -3.98
N GLU A 34 3.79 -10.88 -5.03
CA GLU A 34 5.16 -10.81 -5.53
C GLU A 34 5.49 -9.40 -5.99
N ASN A 35 4.57 -8.74 -6.68
CA ASN A 35 4.79 -7.37 -7.09
C ASN A 35 5.12 -6.50 -5.89
N PHE A 36 4.28 -6.53 -4.86
CA PHE A 36 4.51 -5.67 -3.71
C PHE A 36 5.82 -6.03 -3.03
N ARG A 37 6.10 -7.33 -2.88
CA ARG A 37 7.32 -7.76 -2.22
C ARG A 37 8.55 -7.17 -2.90
N ALA A 38 8.63 -7.33 -4.22
CA ALA A 38 9.78 -6.85 -4.96
C ALA A 38 9.88 -5.33 -4.97
N LEU A 39 8.73 -4.64 -4.94
CA LEU A 39 8.77 -3.19 -4.85
C LEU A 39 9.28 -2.74 -3.49
N CYS A 40 9.05 -3.55 -2.46
CA CYS A 40 9.60 -3.24 -1.14
C CYS A 40 11.10 -3.45 -1.10
N THR A 41 11.59 -4.54 -1.68
CA THR A 41 13.04 -4.75 -1.64
C THR A 41 13.77 -3.84 -2.59
N GLY A 42 13.09 -3.38 -3.65
CA GLY A 42 13.73 -2.62 -4.70
C GLY A 42 14.57 -3.44 -5.65
N GLU A 43 14.46 -4.76 -5.62
CA GLU A 43 15.42 -5.62 -6.32
C GLU A 43 15.34 -5.53 -7.84
N LYS A 44 14.29 -4.95 -8.41
CA LYS A 44 14.22 -4.74 -9.85
C LYS A 44 14.78 -3.39 -10.27
N GLY A 45 15.27 -2.60 -9.33
CA GLY A 45 15.86 -1.32 -9.64
C GLY A 45 14.94 -0.15 -9.40
N PHE A 46 13.76 -0.39 -8.85
CA PHE A 46 12.80 0.66 -8.53
C PHE A 46 11.88 0.10 -7.45
N GLY A 47 11.13 1.00 -6.83
CA GLY A 47 10.23 0.55 -5.78
C GLY A 47 9.88 1.68 -4.84
N TYR A 48 9.39 1.28 -3.66
CA TYR A 48 8.72 2.23 -2.79
C TYR A 48 9.68 3.09 -1.97
N LYS A 49 10.95 2.73 -1.86
CA LYS A 49 11.84 3.50 -1.00
C LYS A 49 11.87 4.95 -1.46
N GLY A 50 11.63 5.86 -0.52
CA GLY A 50 11.65 7.28 -0.77
C GLY A 50 10.35 7.88 -1.24
N SER A 51 9.34 7.07 -1.48
CA SER A 51 8.06 7.57 -1.98
C SER A 51 7.14 7.89 -0.81
N THR A 52 5.91 8.31 -1.11
CA THR A 52 5.09 8.96 -0.11
C THR A 52 3.73 8.29 0.02
N PHE A 53 3.08 8.57 1.15
CA PHE A 53 1.64 8.43 1.27
C PHE A 53 1.06 9.77 0.81
N HIS A 54 0.53 9.81 -0.40
CA HIS A 54 0.10 11.07 -0.99
C HIS A 54 -1.38 11.34 -0.84
N ARG A 55 -2.18 10.36 -0.46
CA ARG A 55 -3.63 10.49 -0.38
C ARG A 55 -4.07 9.73 0.86
N VAL A 56 -4.55 10.46 1.86
CA VAL A 56 -4.88 9.89 3.16
C VAL A 56 -6.21 10.50 3.58
N ILE A 57 -7.21 9.66 3.80
CA ILE A 57 -8.55 10.11 4.15
C ILE A 57 -8.93 9.52 5.51
N PRO A 58 -9.07 10.35 6.55
CA PRO A 58 -9.44 9.80 7.86
C PRO A 58 -10.75 9.01 7.81
N SER A 59 -10.78 7.94 8.59
CA SER A 59 -11.92 7.01 8.62
C SER A 59 -12.15 6.33 7.28
N PHE A 60 -11.10 6.18 6.48
CA PHE A 60 -11.19 5.46 5.22
C PHE A 60 -9.90 4.67 4.98
N MET A 61 -8.84 5.33 4.53
CA MET A 61 -7.64 4.60 4.17
C MET A 61 -6.48 5.55 3.96
N CYS A 62 -5.29 4.95 3.91
CA CYS A 62 -4.04 5.64 3.62
C CYS A 62 -3.46 5.05 2.35
N GLN A 63 -3.27 5.88 1.33
CA GLN A 63 -2.80 5.42 0.03
C GLN A 63 -1.39 5.90 -0.28
N ALA A 64 -0.62 5.03 -0.92
CA ALA A 64 0.77 5.27 -1.24
C ALA A 64 1.14 4.50 -2.49
N GLY A 65 2.41 4.54 -2.85
CA GLY A 65 2.96 3.69 -3.88
C GLY A 65 3.21 4.33 -5.22
N ASP A 66 2.91 5.63 -5.40
CA ASP A 66 3.23 6.31 -6.64
C ASP A 66 4.66 6.81 -6.57
N PHE A 67 5.59 5.92 -6.89
CA PHE A 67 7.01 6.24 -6.78
C PHE A 67 7.56 6.91 -8.03
N THR A 68 6.73 7.13 -9.05
CA THR A 68 7.20 7.81 -10.24
C THR A 68 6.77 9.26 -10.29
N ASN A 69 5.52 9.58 -9.94
CA ASN A 69 5.01 10.94 -9.98
C ASN A 69 4.62 11.49 -8.63
N HIS A 70 4.53 10.66 -7.60
CA HIS A 70 4.37 11.11 -6.21
C HIS A 70 3.06 11.87 -6.00
N ASN A 71 2.06 11.59 -6.82
CA ASN A 71 0.82 12.34 -6.72
C ASN A 71 -0.44 11.53 -7.04
N GLY A 72 -0.32 10.24 -7.35
CA GLY A 72 -1.48 9.43 -7.66
C GLY A 72 -1.68 9.11 -9.11
N THR A 73 -0.93 9.76 -10.00
CA THR A 73 -1.04 9.49 -11.43
C THR A 73 -0.10 8.41 -11.91
N GLY A 74 0.92 8.06 -11.12
CA GLY A 74 1.97 7.20 -11.59
C GLY A 74 2.10 5.87 -10.88
N GLY A 75 3.32 5.35 -10.86
CA GLY A 75 3.60 4.01 -10.40
C GLY A 75 3.66 3.03 -11.55
N LYS A 76 4.29 1.88 -11.28
CA LYS A 76 4.37 0.80 -12.25
C LYS A 76 4.65 -0.48 -11.47
N SER A 77 4.26 -1.60 -12.05
CA SER A 77 4.45 -2.90 -11.45
C SER A 77 5.78 -3.49 -11.94
N ILE A 78 6.18 -4.58 -11.32
CA ILE A 78 7.38 -5.27 -11.75
C ILE A 78 7.18 -6.00 -13.06
N TYR A 79 5.93 -6.11 -13.53
CA TYR A 79 5.61 -6.84 -14.75
C TYR A 79 5.50 -5.92 -15.96
N GLY A 80 5.35 -4.62 -15.74
CA GLY A 80 4.91 -3.70 -16.76
C GLY A 80 4.14 -2.59 -16.09
N SER A 81 3.52 -1.73 -16.90
CA SER A 81 2.87 -0.57 -16.30
C SER A 81 1.66 -0.96 -15.46
N ARG A 82 0.90 -1.97 -15.91
CA ARG A 82 -0.30 -2.43 -15.23
CA ARG A 82 -0.32 -2.42 -15.25
C ARG A 82 -0.38 -3.95 -15.33
N PHE A 83 -1.13 -4.55 -14.42
CA PHE A 83 -1.37 -5.99 -14.46
C PHE A 83 -2.78 -6.31 -14.01
N PRO A 84 -3.32 -7.48 -14.42
CA PRO A 84 -4.73 -7.78 -14.17
C PRO A 84 -5.09 -7.93 -12.70
N ASP A 85 -6.39 -7.74 -12.43
CA ASP A 85 -6.95 -8.13 -11.15
C ASP A 85 -6.86 -9.65 -11.00
N GLU A 86 -6.07 -10.09 -10.01
CA GLU A 86 -5.77 -11.51 -9.89
C GLU A 86 -7.01 -12.29 -9.44
N ASN A 87 -7.61 -11.87 -8.34
CA ASN A 87 -8.93 -12.32 -7.91
C ASN A 87 -9.40 -11.33 -6.86
N PHE A 88 -10.64 -11.48 -6.44
CA PHE A 88 -11.25 -10.64 -5.42
C PHE A 88 -11.61 -11.44 -4.17
N THR A 89 -10.87 -12.53 -3.92
CA THR A 89 -11.30 -13.46 -2.88
C THR A 89 -11.19 -12.87 -1.47
N LEU A 90 -10.06 -12.24 -1.16
CA LEU A 90 -9.93 -11.60 0.14
C LEU A 90 -10.77 -10.32 0.16
N LYS A 91 -11.40 -10.04 1.29
CA LYS A 91 -12.34 -8.94 1.38
C LYS A 91 -11.81 -7.83 2.27
N HIS A 92 -12.40 -6.65 2.10
CA HIS A 92 -12.02 -5.45 2.86
C HIS A 92 -12.74 -5.50 4.20
N VAL A 93 -12.25 -6.36 5.09
CA VAL A 93 -13.00 -6.76 6.28
C VAL A 93 -12.87 -5.79 7.45
N GLY A 94 -11.87 -4.92 7.45
CA GLY A 94 -11.71 -4.00 8.55
C GLY A 94 -10.40 -3.27 8.51
N PRO A 95 -10.08 -2.54 9.57
CA PRO A 95 -8.82 -1.80 9.61
C PRO A 95 -7.64 -2.75 9.46
N GLY A 96 -6.62 -2.31 8.72
CA GLY A 96 -5.41 -3.09 8.53
C GLY A 96 -5.34 -3.83 7.22
N VAL A 97 -6.44 -3.89 6.46
CA VAL A 97 -6.43 -4.55 5.17
C VAL A 97 -5.54 -3.78 4.20
N LEU A 98 -4.74 -4.53 3.45
CA LEU A 98 -3.83 -4.01 2.42
C LEU A 98 -4.40 -4.39 1.07
N SER A 99 -4.61 -3.40 0.21
CA SER A 99 -5.35 -3.60 -1.03
C SER A 99 -4.76 -2.73 -2.13
N MET A 100 -4.95 -3.15 -3.38
CA MET A 100 -4.36 -2.43 -4.52
C MET A 100 -5.27 -1.28 -4.96
N ALA A 101 -4.70 -0.08 -5.04
CA ALA A 101 -5.41 1.01 -5.66
C ALA A 101 -5.50 0.75 -7.15
N ASN A 102 -6.51 1.31 -7.79
CA ASN A 102 -6.64 1.15 -9.22
C ASN A 102 -7.53 2.24 -9.79
N ALA A 103 -7.53 2.33 -11.10
CA ALA A 103 -8.32 3.29 -11.84
C ALA A 103 -9.29 2.57 -12.78
N GLY A 104 -9.83 1.46 -12.28
CA GLY A 104 -10.72 0.62 -13.03
C GLY A 104 -10.20 -0.79 -13.10
N PRO A 105 -10.99 -1.70 -13.68
CA PRO A 105 -10.56 -3.09 -13.78
C PRO A 105 -9.20 -3.23 -14.45
N ASN A 106 -8.38 -4.11 -13.89
CA ASN A 106 -7.12 -4.53 -14.49
C ASN A 106 -6.16 -3.37 -14.73
N THR A 107 -6.04 -2.51 -13.72
CA THR A 107 -5.11 -1.39 -13.81
C THR A 107 -4.18 -1.33 -12.60
N ASN A 108 -3.91 -2.47 -12.00
CA ASN A 108 -3.00 -2.50 -10.86
C ASN A 108 -1.61 -2.10 -11.31
N GLY A 109 -0.95 -1.26 -10.52
CA GLY A 109 0.42 -0.88 -10.82
C GLY A 109 1.29 -1.08 -9.61
N SER A 110 1.53 0.02 -8.89
CA SER A 110 2.22 -0.04 -7.62
C SER A 110 1.45 0.61 -6.48
N GLN A 111 0.46 1.43 -6.76
CA GLN A 111 -0.24 2.12 -5.69
C GLN A 111 -1.10 1.16 -4.89
N PHE A 112 -1.14 1.38 -3.59
CA PHE A 112 -1.81 0.52 -2.64
C PHE A 112 -2.40 1.38 -1.54
N PHE A 113 -3.29 0.77 -0.75
CA PHE A 113 -3.84 1.47 0.39
C PHE A 113 -3.97 0.52 1.57
N ILE A 114 -3.93 1.12 2.75
CA ILE A 114 -4.17 0.41 4.00
C ILE A 114 -5.45 0.99 4.57
N CYS A 115 -6.44 0.13 4.77
CA CYS A 115 -7.71 0.58 5.28
C CYS A 115 -7.62 0.88 6.77
N THR A 116 -8.38 1.87 7.20
CA THR A 116 -8.53 2.16 8.62
C THR A 116 -9.95 1.88 9.12
N ILE A 117 -10.81 1.36 8.25
CA ILE A 117 -12.17 0.91 8.55
C ILE A 117 -12.47 -0.26 7.62
N LYS A 118 -13.55 -0.98 7.89
CA LYS A 118 -14.12 -1.91 6.91
C LYS A 118 -14.61 -1.10 5.71
N THR A 119 -14.17 -1.48 4.51
CA THR A 119 -14.57 -0.76 3.30
C THR A 119 -15.24 -1.76 2.34
N ASP A 120 -16.43 -2.22 2.71
CA ASP A 120 -17.03 -3.35 2.01
C ASP A 120 -17.36 -3.03 0.55
N TRP A 121 -17.59 -1.76 0.23
CA TRP A 121 -17.98 -1.41 -1.14
C TRP A 121 -16.84 -1.58 -2.13
N LEU A 122 -15.62 -1.76 -1.65
CA LEU A 122 -14.47 -2.03 -2.52
C LEU A 122 -14.33 -3.52 -2.83
N ASP A 123 -15.09 -4.38 -2.17
CA ASP A 123 -15.02 -5.81 -2.44
C ASP A 123 -15.45 -6.04 -3.89
N GLY A 124 -14.66 -6.84 -4.60
CA GLY A 124 -14.92 -7.10 -5.99
C GLY A 124 -14.40 -6.05 -6.94
N LYS A 125 -13.85 -4.96 -6.42
CA LYS A 125 -13.30 -3.88 -7.23
C LYS A 125 -11.82 -3.66 -7.00
N HIS A 126 -11.32 -3.90 -5.79
CA HIS A 126 -9.91 -3.79 -5.48
C HIS A 126 -9.42 -5.13 -4.96
N VAL A 127 -8.22 -5.50 -5.40
CA VAL A 127 -7.61 -6.76 -5.00
C VAL A 127 -6.93 -6.59 -3.64
N VAL A 128 -7.48 -7.25 -2.63
CA VAL A 128 -6.87 -7.34 -1.32
C VAL A 128 -5.77 -8.36 -1.37
N PHE A 129 -4.62 -8.03 -0.81
CA PHE A 129 -3.47 -8.92 -0.90
C PHE A 129 -2.67 -9.04 0.38
N GLY A 130 -3.16 -8.48 1.50
CA GLY A 130 -2.47 -8.70 2.75
C GLY A 130 -3.09 -7.88 3.86
N HIS A 131 -2.34 -7.75 4.95
CA HIS A 131 -2.83 -7.01 6.10
C HIS A 131 -1.67 -6.66 7.02
N VAL A 132 -1.95 -5.71 7.91
CA VAL A 132 -0.99 -5.21 8.89
C VAL A 132 -0.80 -6.25 9.99
N ILE A 133 0.45 -6.68 10.17
CA ILE A 133 0.84 -7.58 11.25
C ILE A 133 1.17 -6.79 12.50
N GLU A 134 1.86 -5.66 12.33
CA GLU A 134 2.35 -4.81 13.39
C GLU A 134 2.40 -3.40 12.84
N GLY A 135 2.19 -2.42 13.71
CA GLY A 135 2.32 -1.03 13.32
C GLY A 135 1.02 -0.32 12.99
N MET A 136 -0.11 -0.84 13.45
CA MET A 136 -1.35 -0.09 13.27
C MET A 136 -1.27 1.28 13.91
N ASP A 137 -0.47 1.43 14.98
CA ASP A 137 -0.27 2.74 15.57
C ASP A 137 0.32 3.69 14.55
N VAL A 138 1.25 3.22 13.73
CA VAL A 138 1.83 4.06 12.69
C VAL A 138 0.78 4.41 11.65
N VAL A 139 -0.04 3.43 11.27
CA VAL A 139 -1.13 3.68 10.34
C VAL A 139 -2.08 4.75 10.88
N LYS A 140 -2.41 4.69 12.18
CA LYS A 140 -3.32 5.68 12.75
C LYS A 140 -2.66 7.07 12.76
N LYS A 141 -1.36 7.15 13.02
CA LYS A 141 -0.68 8.44 12.89
C LYS A 141 -0.80 8.97 11.46
N ILE A 142 -0.48 8.13 10.46
CA ILE A 142 -0.59 8.55 9.07
C ILE A 142 -2.00 9.07 8.79
N GLU A 143 -3.00 8.27 9.19
CA GLU A 143 -4.39 8.64 8.98
C GLU A 143 -4.71 10.01 9.56
N SER A 144 -4.15 10.30 10.74
CA SER A 144 -4.43 11.56 11.40
C SER A 144 -3.86 12.75 10.66
N PHE A 145 -2.95 12.54 9.71
CA PHE A 145 -2.41 13.58 8.87
C PHE A 145 -3.10 13.69 7.52
N GLY A 146 -4.25 13.05 7.35
CA GLY A 146 -5.03 13.18 6.13
C GLY A 146 -6.11 14.23 6.25
N SER A 147 -7.00 14.23 5.27
CA SER A 147 -8.10 15.16 5.20
C SER A 147 -9.20 14.56 4.34
N LYS A 148 -10.37 15.19 4.36
CA LYS A 148 -11.48 14.71 3.55
C LYS A 148 -11.08 14.64 2.08
N SER A 149 -10.31 15.61 1.60
CA SER A 149 -9.92 15.65 0.20
C SER A 149 -8.80 14.68 -0.13
N GLY A 150 -8.19 14.08 0.88
CA GLY A 150 -7.05 13.21 0.69
C GLY A 150 -5.71 13.90 0.81
N ARG A 151 -5.67 15.22 0.68
CA ARG A 151 -4.42 15.94 0.83
C ARG A 151 -3.88 15.77 2.23
N THR A 152 -2.57 15.54 2.34
CA THR A 152 -1.95 15.33 3.64
C THR A 152 -1.46 16.64 4.21
N SER A 153 -1.47 16.71 5.53
CA SER A 153 -1.05 17.90 6.24
C SER A 153 0.38 17.80 6.76
N LYS A 154 1.01 16.65 6.61
CA LYS A 154 2.44 16.45 6.82
C LYS A 154 2.95 15.65 5.63
N LYS A 155 4.25 15.75 5.38
CA LYS A 155 4.88 14.99 4.31
C LYS A 155 5.21 13.60 4.84
N ILE A 156 4.55 12.59 4.30
CA ILE A 156 4.59 11.23 4.83
C ILE A 156 5.40 10.41 3.84
N VAL A 157 6.58 9.95 4.28
CA VAL A 157 7.58 9.35 3.40
C VAL A 157 7.92 7.95 3.90
N ILE A 158 7.92 6.99 2.99
CA ILE A 158 8.45 5.66 3.24
C ILE A 158 9.96 5.80 3.08
N THR A 159 10.69 5.94 4.19
CA THR A 159 12.13 6.16 4.08
C THR A 159 12.90 4.88 3.79
N ASP A 160 12.38 3.74 4.24
CA ASP A 160 13.02 2.45 4.05
C ASP A 160 11.91 1.42 3.94
N CYS A 161 12.20 0.33 3.25
CA CYS A 161 11.27 -0.77 3.12
C CYS A 161 12.04 -1.99 2.68
N GLY A 162 11.43 -3.15 2.83
CA GLY A 162 12.12 -4.38 2.50
C GLY A 162 11.34 -5.59 2.95
N GLN A 163 12.02 -6.73 2.91
CA GLN A 163 11.43 -8.01 3.22
C GLN A 163 12.06 -8.58 4.48
N LEU A 164 11.22 -8.98 5.42
CA LEU A 164 11.67 -9.59 6.67
C LEU A 164 11.77 -11.11 6.56
N SER A 165 10.89 -11.73 5.76
CA SER A 165 10.90 -13.18 5.58
C SER A 165 10.03 -13.56 4.40
#